data_5SLU
#
_entry.id   5SLU
#
_cell.length_a   67.929
_cell.length_b   68.436
_cell.length_c   138.492
_cell.angle_alpha   90.000
_cell.angle_beta   90.000
_cell.angle_gamma   90.000
#
_symmetry.space_group_name_H-M   'P 21 21 21'
#
loop_
_entity.id
_entity.type
_entity.pdbx_description
1 polymer 'Proofreading exoribonuclease nsp14'
2 non-polymer 'ZINC ION'
3 non-polymer 'PHOSPHATE ION'
4 non-polymer 1-[(2-fluorophenyl)methyl]-N-methylcyclopropane-1-carboxamide
5 water water
#
_entity_poly.entity_id   1
_entity_poly.type   'polypeptide(L)'
_entity_poly.pdbx_seq_one_letter_code
;SMLFKDCSKVITGLHPTQAPTHLSVDTKFKTEGLCVDIPGIPKDMTYRRLISMMGFKMNYQVNGYPNMFITREEAIRHVR
AWIGFDVEGCHATREAVGTNLPLQLGFSTGVNLVAVPTGYVDTPNNTDFSRVSAKPPPGDQFKHLIPLMYKGLPWNVVRI
KIVQMLSDTLKNLSDRVVFVLWAHGFELTSMKYFVKIGPERTCCLCDRRATCFSTASDTYACWHHSIGFDYVYNPFMIDV
QQWGFTGNLQSNHDLYCQVHGNAHVASCDAIMTRCLAVHECFVKRVDWTIEYPIIGDELKINAACRKVQHMVVKAALLAD
KFPVLHDIGNPKAIKCVPQADVEWKFYDAQPCSDKAYKIEELFYSYATHSDKFTDGVCLFWNCNVDRYPANSIVCRFDTR
VLSNLNLPGCDGGSLYVNKHAFHTPAFDKSAFVNLKQLPFFYYSDSPCESHGKQVVSDIDYVPLKSATCITRCNLGGAVC
RHHANEYRLYLDAYNMMISAGFSLWVYKQFDTYNLWNTFTRLQ
;
_entity_poly.pdbx_strand_id   D
#
loop_
_chem_comp.id
_chem_comp.type
_chem_comp.name
_chem_comp.formula
PO4 non-polymer 'PHOSPHATE ION' 'O4 P -3'
UX1 non-polymer 1-[(2-fluorophenyl)methyl]-N-methylcyclopropane-1-carboxamide 'C12 H14 F N O'
ZN non-polymer 'ZINC ION' 'Zn 2'
#
# COMPACT_ATOMS: atom_id res chain seq x y z
N PRO A 20 -25.60 9.71 -8.13
CA PRO A 20 -24.15 9.86 -7.96
C PRO A 20 -23.50 8.82 -7.04
N THR A 21 -23.97 7.55 -7.09
CA THR A 21 -23.40 6.47 -6.29
C THR A 21 -22.53 5.55 -7.18
N HIS A 22 -23.16 4.73 -8.05
CA HIS A 22 -22.43 3.83 -8.94
C HIS A 22 -22.30 4.44 -10.37
N LEU A 23 -21.51 3.79 -11.25
CA LEU A 23 -21.36 4.27 -12.62
C LEU A 23 -22.59 3.82 -13.39
N SER A 24 -23.34 4.77 -14.02
CA SER A 24 -24.55 4.45 -14.79
C SER A 24 -24.24 3.61 -16.02
N VAL A 25 -25.05 2.57 -16.27
CA VAL A 25 -24.84 1.75 -17.47
C VAL A 25 -25.15 2.54 -18.74
N ASP A 26 -25.92 3.65 -18.63
CA ASP A 26 -26.25 4.54 -19.73
C ASP A 26 -25.16 5.61 -19.99
N THR A 27 -24.00 5.52 -19.31
CA THR A 27 -22.84 6.40 -19.53
C THR A 27 -22.16 5.96 -20.84
N LYS A 28 -21.56 6.91 -21.54
CA LYS A 28 -20.90 6.63 -22.80
C LYS A 28 -19.51 6.03 -22.58
N PHE A 29 -19.13 5.13 -23.49
CA PHE A 29 -17.84 4.46 -23.49
C PHE A 29 -17.13 4.80 -24.78
N LYS A 30 -15.96 5.48 -24.71
CA LYS A 30 -15.21 5.80 -25.92
C LYS A 30 -14.61 4.50 -26.46
N THR A 31 -15.01 4.09 -27.66
CA THR A 31 -14.61 2.79 -28.22
C THR A 31 -13.42 2.83 -29.16
N GLU A 32 -12.76 3.97 -29.27
CA GLU A 32 -11.63 4.15 -30.19
C GLU A 32 -10.48 3.15 -29.91
N GLY A 33 -10.13 2.97 -28.65
CA GLY A 33 -9.08 2.04 -28.19
C GLY A 33 -9.37 0.58 -28.49
N LEU A 34 -10.66 0.26 -28.71
CA LEU A 34 -11.20 -1.08 -29.02
C LEU A 34 -11.25 -1.42 -30.51
N CYS A 35 -11.05 -0.45 -31.41
CA CYS A 35 -11.31 -0.68 -32.84
C CYS A 35 -10.21 -1.44 -33.65
N VAL A 36 -9.05 -1.79 -33.05
CA VAL A 36 -8.06 -2.58 -33.83
C VAL A 36 -8.34 -4.08 -33.58
N ASP A 37 -8.63 -4.45 -32.32
CA ASP A 37 -9.10 -5.82 -32.04
C ASP A 37 -10.55 -6.01 -32.52
N ILE A 38 -11.36 -4.92 -32.49
CA ILE A 38 -12.76 -5.00 -32.91
C ILE A 38 -13.07 -3.98 -34.02
N PRO A 39 -12.66 -4.26 -35.27
CA PRO A 39 -12.95 -3.33 -36.36
C PRO A 39 -14.44 -3.20 -36.66
N GLY A 40 -14.88 -1.97 -36.87
CA GLY A 40 -16.28 -1.68 -37.15
C GLY A 40 -17.10 -1.36 -35.92
N ILE A 41 -16.49 -1.35 -34.73
CA ILE A 41 -17.20 -1.06 -33.48
C ILE A 41 -17.88 0.32 -33.55
N PRO A 42 -19.15 0.40 -33.12
CA PRO A 42 -19.85 1.68 -33.16
C PRO A 42 -19.17 2.71 -32.30
N LYS A 43 -19.06 3.94 -32.76
CA LYS A 43 -18.49 5.03 -32.00
C LYS A 43 -19.42 5.40 -30.83
N ASP A 44 -20.72 5.36 -31.08
CA ASP A 44 -21.72 5.62 -30.06
C ASP A 44 -21.87 4.30 -29.31
N MET A 45 -21.57 4.30 -28.00
CA MET A 45 -21.61 3.09 -27.19
C MET A 45 -21.81 3.43 -25.72
N THR A 46 -22.62 2.63 -25.00
CA THR A 46 -22.86 2.80 -23.57
C THR A 46 -22.31 1.58 -22.80
N TYR A 47 -22.27 1.64 -21.47
CA TYR A 47 -21.85 0.49 -20.68
C TYR A 47 -22.81 -0.69 -20.88
N ARG A 48 -24.13 -0.41 -20.95
CA ARG A 48 -25.22 -1.34 -21.16
C ARG A 48 -25.04 -2.14 -22.45
N ARG A 49 -24.65 -1.48 -23.53
CA ARG A 49 -24.45 -2.16 -24.80
C ARG A 49 -23.14 -2.94 -24.81
N LEU A 50 -22.09 -2.37 -24.19
CA LEU A 50 -20.77 -3.00 -24.05
C LEU A 50 -20.87 -4.29 -23.25
N ILE A 51 -21.54 -4.28 -22.09
CA ILE A 51 -21.72 -5.48 -21.25
C ILE A 51 -22.45 -6.60 -22.04
N SER A 52 -23.50 -6.23 -22.78
CA SER A 52 -24.27 -7.13 -23.63
C SER A 52 -23.37 -7.76 -24.70
N MET A 53 -22.54 -6.93 -25.35
CA MET A 53 -21.59 -7.34 -26.36
C MET A 53 -20.53 -8.29 -25.78
N MET A 54 -20.18 -8.09 -24.50
CA MET A 54 -19.26 -8.99 -23.82
C MET A 54 -19.83 -10.37 -23.49
N GLY A 55 -21.13 -10.57 -23.73
CA GLY A 55 -21.80 -11.83 -23.48
C GLY A 55 -22.52 -11.93 -22.16
N PHE A 56 -22.73 -10.80 -21.48
CA PHE A 56 -23.40 -10.82 -20.18
C PHE A 56 -24.82 -10.27 -20.22
N LYS A 57 -25.75 -10.90 -19.48
CA LYS A 57 -27.13 -10.42 -19.43
C LYS A 57 -27.40 -9.87 -18.03
N MET A 58 -27.81 -8.60 -17.94
CA MET A 58 -28.04 -7.98 -16.63
C MET A 58 -29.51 -8.12 -16.13
N ASN A 59 -30.45 -8.49 -17.02
CA ASN A 59 -31.85 -8.80 -16.73
C ASN A 59 -32.63 -7.84 -15.76
N TYR A 60 -32.34 -6.52 -15.77
CA TYR A 60 -32.96 -5.51 -14.89
C TYR A 60 -32.86 -5.95 -13.41
N GLN A 61 -31.65 -6.34 -13.00
CA GLN A 61 -31.44 -6.85 -11.65
C GLN A 61 -31.04 -5.73 -10.64
N VAL A 62 -31.92 -5.48 -9.65
CA VAL A 62 -31.65 -4.52 -8.59
C VAL A 62 -31.09 -5.26 -7.39
N ASN A 63 -29.92 -5.88 -7.55
CA ASN A 63 -29.34 -6.66 -6.46
C ASN A 63 -27.85 -6.38 -6.19
N GLY A 64 -27.52 -5.12 -5.93
CA GLY A 64 -26.17 -4.69 -5.57
C GLY A 64 -25.05 -4.79 -6.60
N TYR A 65 -25.38 -5.18 -7.83
CA TYR A 65 -24.39 -5.27 -8.90
C TYR A 65 -24.94 -4.45 -10.07
N PRO A 66 -25.00 -3.10 -9.95
CA PRO A 66 -25.60 -2.30 -11.02
C PRO A 66 -24.79 -2.20 -12.31
N ASN A 67 -23.48 -2.43 -12.24
CA ASN A 67 -22.62 -2.35 -13.41
C ASN A 67 -21.30 -3.14 -13.16
N MET A 68 -20.77 -3.81 -14.19
CA MET A 68 -19.47 -4.47 -14.07
C MET A 68 -18.36 -3.39 -13.96
N PHE A 69 -18.54 -2.27 -14.66
CA PHE A 69 -17.62 -1.14 -14.65
C PHE A 69 -17.95 -0.19 -13.52
N ILE A 70 -16.90 0.41 -12.95
CA ILE A 70 -17.06 1.31 -11.81
C ILE A 70 -16.42 2.67 -12.08
N THR A 71 -16.80 3.69 -11.27
CA THR A 71 -16.24 5.04 -11.38
C THR A 71 -14.79 5.05 -10.86
N ARG A 72 -14.07 6.15 -11.12
CA ARG A 72 -12.72 6.39 -10.64
C ARG A 72 -12.75 6.48 -9.11
N GLU A 73 -13.75 7.17 -8.55
CA GLU A 73 -13.90 7.33 -7.09
C GLU A 73 -14.14 5.97 -6.40
N GLU A 74 -14.94 5.09 -7.01
CA GLU A 74 -15.16 3.76 -6.45
C GLU A 74 -13.86 2.93 -6.58
N ALA A 75 -13.13 3.07 -7.70
CA ALA A 75 -11.87 2.36 -7.88
C ALA A 75 -10.85 2.76 -6.79
N ILE A 76 -10.81 4.05 -6.41
CA ILE A 76 -9.93 4.57 -5.38
C ILE A 76 -10.29 4.03 -4.01
N ARG A 77 -11.58 3.96 -3.68
CA ARG A 77 -12.00 3.39 -2.39
C ARG A 77 -11.71 1.89 -2.29
N HIS A 78 -11.53 1.19 -3.43
CA HIS A 78 -11.25 -0.24 -3.49
C HIS A 78 -9.90 -0.48 -4.18
N VAL A 79 -8.90 0.36 -3.90
CA VAL A 79 -7.56 0.21 -4.47
C VAL A 79 -6.89 -1.12 -4.10
N ARG A 80 -7.14 -1.65 -2.86
CA ARG A 80 -6.61 -2.95 -2.45
C ARG A 80 -7.06 -4.13 -3.34
N ALA A 81 -8.14 -3.90 -4.13
CA ALA A 81 -8.70 -4.91 -5.02
C ALA A 81 -8.14 -4.84 -6.43
N TRP A 82 -7.27 -3.86 -6.76
CA TRP A 82 -6.76 -3.67 -8.11
C TRP A 82 -5.84 -4.74 -8.61
N ILE A 83 -6.17 -5.26 -9.80
CA ILE A 83 -5.37 -6.25 -10.50
C ILE A 83 -5.39 -5.80 -11.95
N GLY A 84 -4.24 -5.40 -12.45
CA GLY A 84 -4.09 -5.04 -13.85
C GLY A 84 -4.27 -6.29 -14.70
N PHE A 85 -5.06 -6.19 -15.75
CA PHE A 85 -5.34 -7.31 -16.62
C PHE A 85 -5.12 -6.88 -18.06
N ASP A 86 -4.44 -7.72 -18.83
CA ASP A 86 -4.22 -7.47 -20.25
C ASP A 86 -4.28 -8.78 -21.03
N VAL A 87 -4.86 -8.73 -22.24
CA VAL A 87 -4.92 -9.91 -23.10
C VAL A 87 -4.30 -9.57 -24.45
N GLU A 88 -3.30 -10.35 -24.88
CA GLU A 88 -2.60 -10.18 -26.16
C GLU A 88 -2.76 -11.47 -26.96
N GLY A 89 -3.25 -11.36 -28.19
CA GLY A 89 -3.41 -12.52 -29.06
C GLY A 89 -2.07 -13.10 -29.49
N CYS A 90 -1.97 -14.45 -29.54
CA CYS A 90 -0.78 -15.21 -29.97
C CYS A 90 -1.03 -15.66 -31.41
N THR A 99 -10.87 -17.20 -33.76
CA THR A 99 -11.41 -18.56 -33.80
C THR A 99 -10.32 -19.57 -33.43
N ASN A 100 -9.16 -19.49 -34.11
CA ASN A 100 -8.01 -20.35 -33.78
C ASN A 100 -6.91 -19.51 -33.11
N LEU A 101 -7.27 -18.40 -32.47
CA LEU A 101 -6.36 -17.47 -31.83
C LEU A 101 -6.10 -17.86 -30.37
N PRO A 102 -4.91 -18.41 -30.06
CA PRO A 102 -4.56 -18.64 -28.64
C PRO A 102 -4.28 -17.29 -27.96
N LEU A 103 -4.72 -17.10 -26.72
CA LEU A 103 -4.56 -15.82 -26.03
C LEU A 103 -3.57 -15.86 -24.88
N GLN A 104 -2.87 -14.75 -24.64
CA GLN A 104 -1.97 -14.59 -23.51
C GLN A 104 -2.66 -13.69 -22.50
N LEU A 105 -2.93 -14.22 -21.31
CA LEU A 105 -3.65 -13.54 -20.25
C LEU A 105 -2.62 -13.08 -19.21
N GLY A 106 -2.43 -11.77 -19.09
CA GLY A 106 -1.46 -11.22 -18.16
C GLY A 106 -2.10 -10.52 -16.99
N PHE A 107 -1.57 -10.75 -15.80
CA PHE A 107 -2.09 -10.15 -14.57
C PHE A 107 -0.96 -9.38 -13.88
N SER A 108 -1.30 -8.30 -13.14
CA SER A 108 -0.28 -7.50 -12.48
C SER A 108 0.46 -8.23 -11.32
N THR A 109 0.08 -9.50 -11.06
CA THR A 109 0.82 -10.37 -10.16
C THR A 109 2.10 -10.94 -10.89
N GLY A 110 2.28 -10.60 -12.17
CA GLY A 110 3.38 -11.07 -13.00
C GLY A 110 3.07 -12.39 -13.70
N VAL A 111 1.85 -12.90 -13.55
CA VAL A 111 1.44 -14.17 -14.14
C VAL A 111 0.95 -14.01 -15.58
N ASN A 112 1.36 -14.96 -16.44
CA ASN A 112 0.98 -15.05 -17.85
C ASN A 112 0.42 -16.44 -18.13
N LEU A 113 -0.87 -16.55 -18.48
CA LEU A 113 -1.47 -17.83 -18.81
C LEU A 113 -1.77 -17.87 -20.32
N VAL A 114 -1.62 -19.02 -20.97
CA VAL A 114 -2.00 -19.14 -22.38
C VAL A 114 -3.26 -19.98 -22.50
N ALA A 115 -4.33 -19.38 -23.05
CA ALA A 115 -5.61 -20.03 -23.29
C ALA A 115 -5.67 -20.44 -24.76
N VAL A 116 -6.12 -21.67 -25.02
CA VAL A 116 -6.27 -22.18 -26.38
C VAL A 116 -7.75 -22.54 -26.64
N PRO A 117 -8.24 -22.33 -27.87
CA PRO A 117 -9.66 -22.63 -28.16
C PRO A 117 -9.98 -24.12 -28.23
N THR A 118 -8.96 -24.94 -28.59
CA THR A 118 -8.98 -26.41 -28.66
C THR A 118 -10.28 -26.98 -29.30
N PRO A 147 6.82 -12.14 -14.79
CA PRO A 147 7.25 -12.87 -15.99
C PRO A 147 7.08 -14.39 -15.83
N LEU A 148 5.96 -14.83 -15.23
CA LEU A 148 5.66 -16.26 -15.05
C LEU A 148 4.89 -16.79 -16.26
N MET A 149 5.62 -17.37 -17.23
CA MET A 149 5.12 -17.88 -18.51
C MET A 149 4.65 -19.34 -18.50
N TYR A 150 3.31 -19.57 -18.61
CA TYR A 150 2.75 -20.93 -18.65
C TYR A 150 2.32 -21.31 -20.07
N LYS A 151 2.56 -22.57 -20.48
CA LYS A 151 2.20 -23.11 -21.80
C LYS A 151 0.68 -23.18 -22.03
N GLY A 152 0.28 -23.20 -23.31
CA GLY A 152 -1.11 -23.19 -23.76
C GLY A 152 -2.01 -24.30 -23.28
N LEU A 153 -3.12 -23.92 -22.62
CA LEU A 153 -4.10 -24.85 -22.06
C LEU A 153 -5.53 -24.40 -22.34
N PRO A 154 -6.52 -25.32 -22.38
CA PRO A 154 -7.91 -24.88 -22.60
C PRO A 154 -8.49 -24.05 -21.45
N TRP A 155 -9.53 -23.28 -21.74
CA TRP A 155 -10.19 -22.40 -20.76
C TRP A 155 -10.70 -23.06 -19.50
N ASN A 156 -11.18 -24.31 -19.58
CA ASN A 156 -11.69 -25.01 -18.40
C ASN A 156 -10.62 -25.20 -17.32
N VAL A 157 -9.31 -25.30 -17.69
CA VAL A 157 -8.26 -25.38 -16.68
C VAL A 157 -7.72 -23.97 -16.37
N VAL A 158 -7.61 -23.09 -17.38
CA VAL A 158 -7.17 -21.70 -17.18
C VAL A 158 -8.04 -20.95 -16.12
N ARG A 159 -9.37 -21.09 -16.21
CA ARG A 159 -10.29 -20.44 -15.28
C ARG A 159 -10.07 -20.89 -13.83
N ILE A 160 -9.66 -22.16 -13.62
CA ILE A 160 -9.34 -22.73 -12.30
C ILE A 160 -8.10 -22.03 -11.68
N LYS A 161 -7.05 -21.84 -12.50
CA LYS A 161 -5.81 -21.18 -12.11
C LYS A 161 -6.06 -19.68 -11.79
N ILE A 162 -6.99 -19.03 -12.53
CA ILE A 162 -7.37 -17.63 -12.33
C ILE A 162 -8.03 -17.44 -10.96
N VAL A 163 -8.98 -18.31 -10.60
CA VAL A 163 -9.65 -18.22 -9.31
C VAL A 163 -8.65 -18.46 -8.17
N GLN A 164 -7.72 -19.41 -8.35
CA GLN A 164 -6.69 -19.70 -7.35
C GLN A 164 -5.78 -18.47 -7.13
N MET A 165 -5.31 -17.86 -8.24
CA MET A 165 -4.40 -16.72 -8.19
C MET A 165 -5.01 -15.47 -7.54
N LEU A 166 -6.22 -15.09 -7.96
CA LEU A 166 -6.90 -13.95 -7.38
C LEU A 166 -7.27 -14.19 -5.92
N SER A 167 -7.62 -15.44 -5.55
CA SER A 167 -7.98 -15.76 -4.18
C SER A 167 -6.79 -15.62 -3.25
N ASP A 168 -5.62 -16.11 -3.69
CA ASP A 168 -4.41 -16.03 -2.92
C ASP A 168 -3.85 -14.62 -2.86
N THR A 169 -4.05 -13.83 -3.91
CA THR A 169 -3.56 -12.46 -3.94
C THR A 169 -4.42 -11.55 -3.08
N LEU A 170 -5.73 -11.77 -3.09
CA LEU A 170 -6.66 -10.84 -2.48
C LEU A 170 -7.32 -11.20 -1.17
N LYS A 171 -7.35 -12.45 -0.72
CA LYS A 171 -8.09 -12.79 0.51
C LYS A 171 -7.76 -11.92 1.74
N ASN A 172 -6.50 -11.49 1.89
CA ASN A 172 -6.12 -10.64 3.01
C ASN A 172 -6.08 -9.14 2.64
N LEU A 173 -6.61 -8.75 1.46
CA LEU A 173 -6.60 -7.37 1.02
C LEU A 173 -8.00 -6.82 0.89
N SER A 174 -8.91 -7.57 0.25
CA SER A 174 -10.21 -7.01 -0.13
C SER A 174 -11.33 -8.03 -0.27
N ASP A 175 -12.61 -7.55 -0.29
CA ASP A 175 -13.80 -8.36 -0.52
C ASP A 175 -14.16 -8.50 -2.00
N ARG A 176 -13.35 -7.95 -2.93
CA ARG A 176 -13.65 -8.00 -4.35
C ARG A 176 -12.35 -7.99 -5.21
N VAL A 177 -12.52 -7.96 -6.55
CA VAL A 177 -11.45 -7.80 -7.53
C VAL A 177 -11.84 -6.63 -8.43
N VAL A 178 -10.87 -5.80 -8.82
CA VAL A 178 -11.11 -4.69 -9.74
C VAL A 178 -10.09 -4.88 -10.86
N PHE A 179 -10.53 -5.31 -12.05
CA PHE A 179 -9.62 -5.47 -13.18
C PHE A 179 -9.33 -4.10 -13.76
N VAL A 180 -8.09 -3.65 -13.69
CA VAL A 180 -7.67 -2.35 -14.18
C VAL A 180 -7.19 -2.60 -15.63
N LEU A 181 -7.88 -1.97 -16.59
CA LEU A 181 -7.59 -2.21 -18.00
C LEU A 181 -7.12 -1.00 -18.76
N TRP A 182 -6.43 -1.26 -19.88
CA TRP A 182 -6.11 -0.32 -20.93
C TRP A 182 -6.73 -1.08 -22.13
N ALA A 183 -8.06 -1.07 -22.17
CA ALA A 183 -8.89 -1.85 -23.07
C ALA A 183 -8.66 -1.65 -24.56
N HIS A 184 -8.34 -2.74 -25.24
CA HIS A 184 -8.19 -2.76 -26.68
C HIS A 184 -9.11 -3.78 -27.38
N GLY A 185 -9.81 -4.62 -26.63
CA GLY A 185 -10.76 -5.57 -27.22
C GLY A 185 -10.78 -6.98 -26.66
N PHE A 186 -9.66 -7.69 -26.75
CA PHE A 186 -9.54 -9.08 -26.35
C PHE A 186 -9.75 -9.37 -24.85
N GLU A 187 -9.50 -8.41 -23.96
CA GLU A 187 -9.67 -8.64 -22.53
C GLU A 187 -11.15 -8.67 -22.14
N LEU A 188 -11.98 -7.86 -22.80
CA LEU A 188 -13.41 -7.77 -22.57
C LEU A 188 -14.13 -8.96 -23.21
N THR A 189 -13.70 -9.37 -24.42
CA THR A 189 -14.29 -10.54 -25.06
C THR A 189 -13.84 -11.84 -24.34
N SER A 190 -12.67 -11.86 -23.70
CA SER A 190 -12.21 -13.04 -22.98
C SER A 190 -12.92 -13.26 -21.64
N MET A 191 -13.48 -12.21 -21.05
CA MET A 191 -14.13 -12.30 -19.76
C MET A 191 -15.26 -13.34 -19.64
N LYS A 192 -16.07 -13.55 -20.67
CA LYS A 192 -17.14 -14.58 -20.62
C LYS A 192 -16.59 -16.02 -20.39
N TYR A 193 -15.30 -16.24 -20.67
CA TYR A 193 -14.71 -17.55 -20.50
C TYR A 193 -14.29 -17.87 -19.05
N PHE A 194 -14.28 -16.87 -18.16
CA PHE A 194 -13.89 -17.12 -16.78
C PHE A 194 -14.72 -16.31 -15.75
N VAL A 195 -15.62 -15.45 -16.19
CA VAL A 195 -16.44 -14.62 -15.31
C VAL A 195 -17.93 -14.99 -15.40
N LYS A 196 -18.61 -15.06 -14.25
CA LYS A 196 -20.07 -15.26 -14.19
C LYS A 196 -20.64 -14.10 -13.34
N ILE A 197 -21.78 -13.57 -13.73
CA ILE A 197 -22.40 -12.48 -12.99
C ILE A 197 -23.83 -12.87 -12.51
N GLY A 198 -24.35 -12.12 -11.57
CA GLY A 198 -25.69 -12.32 -11.03
C GLY A 198 -25.93 -11.36 -9.89
N PRO A 199 -26.92 -11.66 -9.04
CA PRO A 199 -27.15 -10.80 -7.87
C PRO A 199 -26.03 -10.94 -6.84
N GLU A 200 -25.91 -9.97 -5.92
CA GLU A 200 -24.90 -10.06 -4.87
C GLU A 200 -25.20 -11.25 -3.98
N ARG A 201 -24.16 -12.01 -3.65
CA ARG A 201 -24.31 -13.22 -2.86
C ARG A 201 -23.35 -13.29 -1.66
N THR A 202 -23.57 -14.25 -0.78
CA THR A 202 -22.67 -14.48 0.34
C THR A 202 -22.01 -15.85 0.17
N CYS A 203 -20.89 -16.04 0.84
CA CYS A 203 -20.14 -17.29 0.78
C CYS A 203 -20.96 -18.45 1.41
N CYS A 204 -20.78 -19.66 0.87
CA CYS A 204 -21.46 -20.85 1.40
C CYS A 204 -20.88 -21.23 2.76
N LEU A 205 -19.57 -21.02 2.96
CA LEU A 205 -18.89 -21.35 4.21
C LEU A 205 -18.84 -20.19 5.22
N CYS A 206 -19.16 -18.94 4.82
CA CYS A 206 -19.11 -17.82 5.77
C CYS A 206 -20.05 -16.63 5.40
N ASP A 207 -19.89 -15.47 6.06
CA ASP A 207 -20.76 -14.34 5.82
C ASP A 207 -20.18 -13.27 4.91
N ARG A 208 -18.96 -13.47 4.40
CA ARG A 208 -18.34 -12.54 3.46
C ARG A 208 -19.06 -12.56 2.11
N ARG A 209 -18.92 -11.48 1.33
CA ARG A 209 -19.54 -11.44 0.01
C ARG A 209 -18.86 -12.46 -0.91
N ALA A 210 -19.64 -13.05 -1.81
CA ALA A 210 -19.19 -14.05 -2.76
C ALA A 210 -18.39 -13.41 -3.89
N THR A 211 -17.22 -13.96 -4.19
CA THR A 211 -16.36 -13.49 -5.26
C THR A 211 -16.06 -14.59 -6.30
N CYS A 212 -16.42 -15.85 -6.01
CA CYS A 212 -16.15 -17.01 -6.87
C CYS A 212 -17.40 -17.92 -6.98
N PHE A 213 -17.45 -18.74 -8.02
CA PHE A 213 -18.56 -19.65 -8.25
C PHE A 213 -18.02 -21.00 -8.71
N SER A 214 -18.69 -22.10 -8.31
CA SER A 214 -18.28 -23.41 -8.73
C SER A 214 -19.35 -24.10 -9.56
N THR A 215 -19.04 -24.47 -10.82
CA THR A 215 -19.99 -25.23 -11.63
C THR A 215 -20.06 -26.72 -11.24
N ALA A 216 -19.17 -27.20 -10.35
CA ALA A 216 -19.14 -28.58 -9.89
C ALA A 216 -20.15 -28.79 -8.74
N SER A 217 -20.19 -27.85 -7.79
CA SER A 217 -21.08 -27.92 -6.64
C SER A 217 -22.30 -26.98 -6.75
N ASP A 218 -22.30 -26.03 -7.70
CA ASP A 218 -23.38 -25.05 -7.85
C ASP A 218 -23.48 -24.10 -6.63
N THR A 219 -22.33 -23.77 -6.03
CA THR A 219 -22.23 -22.92 -4.85
C THR A 219 -21.29 -21.70 -5.08
N TYR A 220 -21.32 -20.75 -4.13
CA TYR A 220 -20.53 -19.52 -4.16
C TYR A 220 -19.58 -19.44 -2.96
N ALA A 221 -18.42 -18.80 -3.15
CA ALA A 221 -17.46 -18.64 -2.09
C ALA A 221 -16.75 -17.30 -2.13
N CYS A 222 -16.20 -16.85 -1.00
CA CYS A 222 -15.36 -15.65 -0.89
C CYS A 222 -13.91 -16.07 -1.31
N TRP A 223 -12.90 -15.17 -1.18
CA TRP A 223 -11.53 -15.51 -1.56
C TRP A 223 -10.92 -16.53 -0.60
N HIS A 224 -11.37 -16.57 0.68
CA HIS A 224 -10.85 -17.52 1.67
C HIS A 224 -11.38 -18.96 1.50
N HIS A 225 -12.56 -19.17 0.86
CA HIS A 225 -13.18 -20.49 0.77
C HIS A 225 -13.38 -21.05 -0.63
N SER A 226 -12.69 -20.49 -1.61
CA SER A 226 -12.88 -20.84 -3.01
C SER A 226 -11.96 -21.92 -3.59
N ILE A 227 -11.45 -22.83 -2.76
CA ILE A 227 -10.55 -23.89 -3.25
C ILE A 227 -11.32 -24.82 -4.18
N GLY A 228 -10.82 -24.95 -5.40
CA GLY A 228 -11.47 -25.76 -6.40
C GLY A 228 -12.59 -25.07 -7.13
N PHE A 229 -12.74 -23.72 -6.99
CA PHE A 229 -13.80 -23.00 -7.74
C PHE A 229 -13.24 -22.60 -9.11
N ASP A 230 -14.12 -22.54 -10.12
CA ASP A 230 -13.71 -22.27 -11.50
C ASP A 230 -14.14 -20.94 -12.09
N TYR A 231 -15.09 -20.21 -11.47
CA TYR A 231 -15.50 -18.93 -12.06
C TYR A 231 -15.33 -17.73 -11.15
N VAL A 232 -14.90 -16.60 -11.72
CA VAL A 232 -14.82 -15.37 -10.96
C VAL A 232 -16.25 -14.84 -10.95
N TYR A 233 -16.80 -14.61 -9.77
CA TYR A 233 -18.17 -14.15 -9.64
C TYR A 233 -18.28 -12.67 -9.23
N ASN A 234 -19.02 -11.88 -10.07
CA ASN A 234 -19.27 -10.46 -9.88
C ASN A 234 -18.01 -9.59 -9.71
N PRO A 235 -17.06 -9.72 -10.67
CA PRO A 235 -15.87 -8.88 -10.60
C PRO A 235 -16.16 -7.44 -11.01
N PHE A 236 -15.23 -6.55 -10.73
CA PHE A 236 -15.35 -5.15 -11.15
C PHE A 236 -14.23 -4.84 -12.12
N MET A 237 -14.35 -3.74 -12.85
CA MET A 237 -13.37 -3.35 -13.84
C MET A 237 -13.45 -1.86 -14.14
N ILE A 238 -12.34 -1.31 -14.59
CA ILE A 238 -12.26 0.08 -14.96
C ILE A 238 -11.26 0.21 -16.13
N ASP A 239 -11.68 0.91 -17.18
CA ASP A 239 -10.82 1.13 -18.31
C ASP A 239 -10.16 2.50 -18.15
N VAL A 240 -8.84 2.49 -17.93
CA VAL A 240 -7.98 3.67 -17.76
C VAL A 240 -7.97 4.52 -19.04
N GLN A 241 -8.04 3.87 -20.19
CA GLN A 241 -8.13 4.55 -21.47
C GLN A 241 -9.37 5.50 -21.53
N GLN A 242 -10.40 5.27 -20.70
CA GLN A 242 -11.56 6.17 -20.62
C GLN A 242 -11.28 7.49 -19.91
N TRP A 243 -10.09 7.68 -19.37
CA TRP A 243 -9.77 8.87 -18.58
C TRP A 243 -9.23 10.06 -19.38
N GLY A 244 -9.06 9.87 -20.68
CA GLY A 244 -8.61 10.95 -21.54
C GLY A 244 -7.11 11.03 -21.62
N PHE A 245 -6.52 10.12 -22.40
CA PHE A 245 -5.07 10.10 -22.56
C PHE A 245 -4.72 10.22 -24.03
N THR A 246 -3.57 10.83 -24.31
CA THR A 246 -3.06 10.93 -25.67
C THR A 246 -1.91 9.94 -25.77
N GLY A 247 -1.87 9.15 -26.84
CA GLY A 247 -0.82 8.15 -27.01
C GLY A 247 -1.14 6.81 -26.38
N ASN A 248 -0.23 5.84 -26.57
CA ASN A 248 -0.41 4.48 -26.06
C ASN A 248 -0.08 4.32 -24.56
N LEU A 249 -0.24 3.10 -24.03
CA LEU A 249 0.04 2.76 -22.63
C LEU A 249 1.48 3.04 -22.25
N GLN A 250 2.44 2.55 -23.02
CA GLN A 250 3.85 2.73 -22.67
C GLN A 250 4.28 4.19 -22.66
N SER A 251 3.87 4.99 -23.64
CA SER A 251 4.25 6.41 -23.69
C SER A 251 3.73 7.19 -22.49
N ASN A 252 2.52 6.84 -21.98
CA ASN A 252 1.95 7.51 -20.82
C ASN A 252 2.51 6.99 -19.49
N HIS A 253 2.81 5.67 -19.45
CA HIS A 253 3.36 5.04 -18.27
C HIS A 253 4.79 5.54 -18.02
N ASP A 254 5.65 5.48 -19.09
CA ASP A 254 7.06 5.86 -19.04
C ASP A 254 7.32 7.34 -18.76
N LEU A 255 6.28 8.17 -18.71
CA LEU A 255 6.43 9.58 -18.36
C LEU A 255 6.71 9.73 -16.85
N TYR A 256 6.26 8.76 -16.02
CA TYR A 256 6.35 8.80 -14.57
C TYR A 256 7.09 7.62 -13.93
N CYS A 257 7.40 6.55 -14.68
CA CYS A 257 7.98 5.36 -14.07
C CYS A 257 9.02 4.69 -14.92
N GLN A 258 10.23 4.55 -14.36
CA GLN A 258 11.35 3.88 -15.01
C GLN A 258 11.64 2.47 -14.45
N VAL A 259 10.81 1.99 -13.51
CA VAL A 259 10.96 0.71 -12.83
C VAL A 259 10.29 -0.44 -13.58
N HIS A 260 9.19 -0.18 -14.28
CA HIS A 260 8.50 -1.21 -15.04
C HIS A 260 8.86 -1.04 -16.49
N GLY A 261 9.43 -2.08 -17.07
CA GLY A 261 9.81 -2.05 -18.48
C GLY A 261 8.80 -2.78 -19.34
N ASN A 262 8.99 -2.75 -20.67
CA ASN A 262 8.07 -3.45 -21.56
C ASN A 262 8.74 -4.63 -22.22
N ALA A 263 8.76 -5.79 -21.55
CA ALA A 263 9.32 -6.98 -22.19
C ALA A 263 8.48 -7.43 -23.40
N HIS A 264 7.21 -6.95 -23.50
CA HIS A 264 6.24 -7.22 -24.56
C HIS A 264 5.27 -8.37 -24.23
N VAL A 265 5.32 -8.90 -23.00
CA VAL A 265 4.35 -9.92 -22.58
C VAL A 265 3.14 -9.21 -21.95
N ALA A 266 2.00 -9.89 -21.93
CA ALA A 266 0.77 -9.37 -21.41
C ALA A 266 0.87 -8.89 -19.98
N SER A 267 1.59 -9.62 -19.11
CA SER A 267 1.75 -9.21 -17.72
C SER A 267 2.50 -7.88 -17.56
N CYS A 268 3.44 -7.54 -18.49
CA CYS A 268 4.15 -6.24 -18.46
C CYS A 268 3.18 -5.07 -18.61
N ASP A 269 2.23 -5.21 -19.53
CA ASP A 269 1.21 -4.20 -19.78
C ASP A 269 0.25 -4.13 -18.60
N ALA A 270 -0.12 -5.29 -18.02
CA ALA A 270 -0.99 -5.35 -16.85
C ALA A 270 -0.38 -4.59 -15.67
N ILE A 271 0.96 -4.67 -15.53
CA ILE A 271 1.73 -3.97 -14.51
C ILE A 271 1.79 -2.46 -14.78
N MET A 272 2.15 -2.06 -16.04
CA MET A 272 2.17 -0.66 -16.45
C MET A 272 0.80 0.03 -16.29
N THR A 273 -0.31 -0.71 -16.57
CA THR A 273 -1.68 -0.19 -16.47
C THR A 273 -2.03 0.14 -15.02
N ARG A 274 -1.81 -0.82 -14.10
CA ARG A 274 -2.10 -0.61 -12.67
C ARG A 274 -1.19 0.48 -12.12
N CYS A 275 0.10 0.50 -12.54
CA CYS A 275 1.04 1.54 -12.15
C CYS A 275 0.53 2.93 -12.59
N LEU A 276 0.14 3.09 -13.88
CA LEU A 276 -0.36 4.36 -14.38
C LEU A 276 -1.63 4.78 -13.64
N ALA A 277 -2.54 3.82 -13.37
CA ALA A 277 -3.76 4.04 -12.61
C ALA A 277 -3.46 4.57 -11.20
N VAL A 278 -2.45 3.97 -10.49
CA VAL A 278 -1.98 4.37 -9.15
C VAL A 278 -1.37 5.78 -9.21
N HIS A 279 -0.54 6.10 -10.23
CA HIS A 279 0.02 7.43 -10.39
C HIS A 279 -1.08 8.49 -10.53
N GLU A 280 -2.09 8.25 -11.37
CA GLU A 280 -3.17 9.19 -11.57
C GLU A 280 -4.04 9.42 -10.34
N CYS A 281 -4.27 8.35 -9.58
CA CYS A 281 -5.19 8.41 -8.45
C CYS A 281 -4.54 8.68 -7.11
N PHE A 282 -3.22 8.44 -6.97
CA PHE A 282 -2.54 8.58 -5.66
C PHE A 282 -1.27 9.40 -5.66
N VAL A 283 -0.69 9.68 -6.83
CA VAL A 283 0.54 10.46 -6.91
C VAL A 283 0.19 11.89 -7.37
N LYS A 284 -0.40 12.04 -8.57
CA LYS A 284 -0.76 13.34 -9.13
C LYS A 284 -1.99 13.96 -8.44
N ARG A 285 -2.85 13.12 -7.88
CA ARG A 285 -4.04 13.54 -7.16
C ARG A 285 -3.97 12.85 -5.82
N VAL A 286 -4.02 13.61 -4.73
CA VAL A 286 -3.96 13.02 -3.40
C VAL A 286 -5.24 13.33 -2.63
N ASP A 287 -5.85 12.31 -2.02
CA ASP A 287 -7.04 12.52 -1.23
C ASP A 287 -6.89 11.81 0.09
N TRP A 288 -6.43 12.53 1.12
CA TRP A 288 -6.26 11.93 2.44
C TRP A 288 -7.56 11.94 3.28
N THR A 289 -8.73 12.14 2.66
CA THR A 289 -10.00 12.08 3.38
C THR A 289 -10.58 10.65 3.33
N ILE A 290 -10.34 9.93 2.23
CA ILE A 290 -10.82 8.58 2.04
C ILE A 290 -10.26 7.66 3.09
N GLU A 291 -11.17 7.01 3.82
CA GLU A 291 -10.91 6.06 4.86
C GLU A 291 -10.92 4.66 4.29
N TYR A 292 -10.02 3.79 4.74
CA TYR A 292 -9.97 2.41 4.29
C TYR A 292 -10.21 1.45 5.47
N PRO A 293 -10.86 0.29 5.23
CA PRO A 293 -11.13 -0.63 6.35
C PRO A 293 -9.88 -1.20 7.05
N ILE A 294 -10.07 -1.78 8.25
CA ILE A 294 -8.98 -2.40 8.99
C ILE A 294 -8.87 -3.86 8.55
N ILE A 295 -7.72 -4.24 7.98
CA ILE A 295 -7.51 -5.60 7.46
C ILE A 295 -6.34 -6.35 8.11
N GLY A 296 -5.72 -5.75 9.13
CA GLY A 296 -4.58 -6.33 9.81
C GLY A 296 -4.20 -5.63 11.09
N ASP A 297 -2.91 -5.35 11.24
CA ASP A 297 -2.33 -4.77 12.45
C ASP A 297 -2.30 -3.26 12.47
N GLU A 298 -3.16 -2.59 11.70
CA GLU A 298 -3.21 -1.12 11.63
C GLU A 298 -3.12 -0.42 12.97
N LEU A 299 -4.04 -0.70 13.89
CA LEU A 299 -4.09 -0.04 15.19
C LEU A 299 -2.86 -0.25 16.06
N LYS A 300 -2.29 -1.47 16.04
CA LYS A 300 -1.10 -1.76 16.81
C LYS A 300 0.10 -1.03 16.26
N ILE A 301 0.27 -1.04 14.91
CA ILE A 301 1.38 -0.39 14.21
C ILE A 301 1.38 1.12 14.51
N ASN A 302 0.21 1.73 14.49
CA ASN A 302 0.08 3.15 14.74
C ASN A 302 0.39 3.51 16.19
N ALA A 303 -0.05 2.67 17.11
CA ALA A 303 0.20 2.83 18.54
C ALA A 303 1.69 2.65 18.83
N ALA A 304 2.32 1.66 18.19
CA ALA A 304 3.74 1.36 18.34
C ALA A 304 4.55 2.55 17.85
N CYS A 305 4.23 3.12 16.69
CA CYS A 305 4.87 4.28 16.08
C CYS A 305 4.91 5.50 17.03
N ARG A 306 3.81 5.76 17.73
CA ARG A 306 3.73 6.88 18.67
C ARG A 306 4.55 6.58 19.93
N LYS A 307 4.65 5.31 20.36
CA LYS A 307 5.44 4.92 21.53
C LYS A 307 6.92 5.03 21.21
N VAL A 308 7.35 4.54 20.04
CA VAL A 308 8.74 4.59 19.60
C VAL A 308 9.17 6.04 19.44
N GLN A 309 8.31 6.87 18.83
CA GLN A 309 8.62 8.30 18.68
C GLN A 309 8.86 9.01 20.00
N HIS A 310 7.97 8.82 20.99
CA HIS A 310 8.16 9.45 22.30
C HIS A 310 9.48 9.00 22.96
N MET A 311 9.77 7.70 22.91
CA MET A 311 10.94 7.10 23.51
C MET A 311 12.22 7.63 22.90
N VAL A 312 12.31 7.62 21.56
CA VAL A 312 13.53 8.01 20.87
C VAL A 312 13.82 9.52 20.97
N VAL A 313 12.79 10.33 20.92
CA VAL A 313 12.94 11.77 21.02
C VAL A 313 13.23 12.16 22.45
N LYS A 314 12.53 11.54 23.42
CA LYS A 314 12.78 11.78 24.85
C LYS A 314 14.23 11.45 25.22
N ALA A 315 14.77 10.34 24.68
CA ALA A 315 16.14 9.97 24.99
C ALA A 315 17.19 10.82 24.34
N ALA A 316 16.95 11.32 23.11
CA ALA A 316 17.94 12.17 22.44
C ALA A 316 18.08 13.54 23.15
N LEU A 317 16.96 14.05 23.65
CA LEU A 317 16.96 15.29 24.39
C LEU A 317 17.62 15.14 25.75
N LEU A 318 17.64 13.94 26.34
CA LEU A 318 18.27 13.70 27.63
C LEU A 318 19.77 13.46 27.42
N ALA A 319 20.14 12.67 26.40
CA ALA A 319 21.53 12.33 26.13
C ALA A 319 22.36 13.49 25.61
N ASP A 320 21.80 14.28 24.67
CA ASP A 320 22.55 15.38 24.08
C ASP A 320 22.05 16.77 24.41
N LYS A 321 21.01 16.89 25.26
CA LYS A 321 20.49 18.16 25.75
C LYS A 321 20.45 19.31 24.72
N PHE A 322 19.83 19.08 23.55
CA PHE A 322 19.72 20.11 22.51
C PHE A 322 18.85 21.23 23.02
N PRO A 323 19.22 22.49 22.76
CA PRO A 323 18.36 23.60 23.23
C PRO A 323 17.14 23.84 22.35
N VAL A 324 17.18 23.38 21.08
CA VAL A 324 16.10 23.58 20.16
C VAL A 324 15.89 22.34 19.28
N LEU A 325 14.62 22.03 18.99
CA LEU A 325 14.24 20.92 18.14
C LEU A 325 13.38 21.48 17.00
N HIS A 326 13.76 21.18 15.76
CA HIS A 326 13.11 21.58 14.53
C HIS A 326 12.29 20.40 14.11
N ASP A 327 10.97 20.51 14.24
CA ASP A 327 10.06 19.43 13.91
C ASP A 327 9.53 19.69 12.50
N ILE A 328 10.09 18.98 11.50
CA ILE A 328 9.70 19.13 10.11
C ILE A 328 8.80 18.01 9.63
N GLY A 329 7.58 18.37 9.23
CA GLY A 329 6.64 17.36 8.75
C GLY A 329 5.19 17.74 8.93
N ASN A 330 4.34 16.74 9.20
CA ASN A 330 2.90 16.87 9.38
C ASN A 330 2.42 18.20 9.98
N PRO A 331 1.69 19.05 9.22
CA PRO A 331 1.21 20.31 9.79
C PRO A 331 0.22 20.16 10.96
N LYS A 332 -0.25 18.93 11.23
CA LYS A 332 -1.14 18.64 12.35
C LYS A 332 -0.38 18.16 13.60
N ALA A 333 0.95 17.92 13.51
CA ALA A 333 1.80 17.38 14.57
C ALA A 333 1.71 18.08 15.92
N ILE A 334 1.82 17.25 16.95
CA ILE A 334 1.82 17.66 18.34
C ILE A 334 3.21 17.30 18.93
N LYS A 335 3.68 18.00 19.99
CA LYS A 335 4.95 17.67 20.66
C LYS A 335 4.90 16.23 21.16
N CYS A 336 5.77 15.35 20.61
CA CYS A 336 5.77 13.95 21.02
C CYS A 336 6.30 13.74 22.44
N VAL A 337 7.11 14.69 22.96
CA VAL A 337 7.62 14.70 24.33
C VAL A 337 7.15 16.02 24.98
N PRO A 338 5.87 16.07 25.43
CA PRO A 338 5.33 17.31 26.00
C PRO A 338 6.07 17.90 27.20
N GLN A 339 6.72 17.08 28.03
CA GLN A 339 7.39 17.60 29.22
C GLN A 339 8.88 17.92 29.02
N ALA A 340 9.42 17.81 27.79
CA ALA A 340 10.83 18.13 27.54
C ALA A 340 11.13 19.63 27.71
N ASP A 341 12.37 19.96 28.10
CA ASP A 341 12.74 21.36 28.33
C ASP A 341 12.84 22.19 27.05
N VAL A 342 13.40 21.58 25.99
CA VAL A 342 13.66 22.09 24.65
C VAL A 342 12.62 23.09 24.04
N GLU A 343 13.13 23.94 23.15
CA GLU A 343 12.34 24.90 22.36
C GLU A 343 11.86 24.13 21.15
N TRP A 344 10.55 23.87 21.07
CA TRP A 344 9.95 23.10 19.99
C TRP A 344 9.38 24.02 18.90
N LYS A 345 9.94 23.94 17.69
CA LYS A 345 9.55 24.76 16.55
C LYS A 345 9.06 23.87 15.44
N PHE A 346 7.83 24.10 14.96
CA PHE A 346 7.23 23.30 13.90
C PHE A 346 7.35 23.91 12.50
N TYR A 347 7.49 23.06 11.49
CA TYR A 347 7.60 23.42 10.09
C TYR A 347 6.70 22.47 9.36
N ASP A 348 5.74 23.01 8.61
CA ASP A 348 4.71 22.25 7.92
C ASP A 348 5.16 21.71 6.59
N ALA A 349 4.90 20.44 6.37
CA ALA A 349 5.20 19.76 5.14
C ALA A 349 4.33 18.53 5.10
N GLN A 350 3.48 18.43 4.11
CA GLN A 350 2.61 17.29 3.90
C GLN A 350 3.40 16.10 3.36
N PRO A 351 2.88 14.87 3.49
CA PRO A 351 3.63 13.71 3.00
C PRO A 351 3.84 13.77 1.49
N CYS A 352 5.09 13.76 1.04
CA CYS A 352 5.36 13.80 -0.40
C CYS A 352 5.00 12.45 -1.01
N SER A 353 4.27 12.45 -2.11
CA SER A 353 3.84 11.21 -2.77
C SER A 353 4.56 10.95 -4.09
N ASP A 354 5.09 12.00 -4.71
CA ASP A 354 5.78 11.90 -5.98
C ASP A 354 7.28 11.65 -5.69
N LYS A 355 8.12 12.69 -5.65
CA LYS A 355 9.54 12.59 -5.35
C LYS A 355 9.80 13.09 -3.93
N ALA A 356 10.89 12.60 -3.28
CA ALA A 356 11.23 13.02 -1.93
C ALA A 356 11.63 14.49 -1.91
N TYR A 357 11.29 15.21 -0.85
CA TYR A 357 11.61 16.63 -0.73
C TYR A 357 13.09 16.91 -0.86
N LYS A 358 13.47 18.00 -1.49
CA LYS A 358 14.86 18.40 -1.55
C LYS A 358 15.13 19.21 -0.27
N ILE A 359 16.13 18.81 0.51
CA ILE A 359 16.47 19.51 1.76
C ILE A 359 16.80 21.01 1.50
N GLU A 360 17.27 21.34 0.30
CA GLU A 360 17.60 22.71 -0.07
C GLU A 360 16.33 23.57 -0.18
N GLU A 361 15.19 22.98 -0.55
CA GLU A 361 13.94 23.75 -0.63
C GLU A 361 13.23 23.79 0.73
N LEU A 362 13.30 22.72 1.52
CA LEU A 362 12.67 22.72 2.84
C LEU A 362 13.37 23.72 3.80
N PHE A 363 14.70 23.83 3.69
CA PHE A 363 15.46 24.65 4.60
C PHE A 363 15.89 26.01 4.08
N TYR A 364 16.44 26.08 2.86
CA TYR A 364 16.97 27.33 2.35
C TYR A 364 15.89 28.25 1.71
N SER A 365 16.32 29.41 1.16
CA SER A 365 15.51 30.49 0.60
C SER A 365 14.99 31.48 1.68
N TYR A 366 15.71 31.53 2.84
CA TYR A 366 15.47 32.39 4.00
C TYR A 366 14.11 32.17 4.66
N HIS A 369 10.84 30.37 12.18
CA HIS A 369 12.00 29.53 11.97
C HIS A 369 13.19 30.12 12.65
N SER A 370 13.99 29.29 13.32
CA SER A 370 15.25 29.76 13.88
C SER A 370 16.22 30.16 12.73
N ASP A 371 15.95 29.70 11.46
CA ASP A 371 16.75 29.85 10.24
C ASP A 371 17.96 28.89 10.32
N LYS A 372 18.58 28.80 11.52
CA LYS A 372 19.69 27.93 11.83
C LYS A 372 19.19 26.53 12.19
N PHE A 373 18.96 25.69 11.17
CA PHE A 373 18.57 24.29 11.38
C PHE A 373 19.76 23.46 11.93
N THR A 374 21.00 23.95 11.75
CA THR A 374 22.25 23.39 12.28
C THR A 374 22.31 23.48 13.81
N ASP A 375 21.55 24.42 14.42
CA ASP A 375 21.44 24.57 15.87
C ASP A 375 20.44 23.52 16.34
N GLY A 376 20.78 22.77 17.37
CA GLY A 376 19.88 21.76 17.93
C GLY A 376 19.72 20.49 17.09
N VAL A 377 18.50 19.92 17.11
CA VAL A 377 18.24 18.69 16.39
C VAL A 377 16.99 18.80 15.49
N CYS A 378 16.98 18.06 14.37
CA CYS A 378 15.86 18.07 13.44
C CYS A 378 15.14 16.75 13.54
N LEU A 379 13.81 16.79 13.65
CA LEU A 379 13.01 15.59 13.76
C LEU A 379 12.24 15.43 12.43
N PHE A 380 12.58 14.38 11.66
CA PHE A 380 11.92 14.07 10.39
C PHE A 380 11.13 12.78 10.61
N TRP A 381 9.94 12.89 11.23
CA TRP A 381 9.12 11.70 11.49
C TRP A 381 8.15 11.51 10.34
N ASN A 382 8.49 10.57 9.46
CA ASN A 382 7.81 10.28 8.20
C ASN A 382 7.79 11.49 7.27
N CYS A 383 8.88 12.25 7.25
CA CYS A 383 9.00 13.38 6.35
C CYS A 383 10.15 12.99 5.41
N ASN A 384 9.81 12.46 4.24
CA ASN A 384 10.78 11.88 3.29
C ASN A 384 11.58 12.91 2.50
N VAL A 385 12.84 13.15 2.90
CA VAL A 385 13.70 14.09 2.20
C VAL A 385 14.84 13.34 1.43
N ASP A 386 15.49 14.02 0.47
CA ASP A 386 16.55 13.42 -0.34
C ASP A 386 17.87 13.09 0.45
N ARG A 387 18.23 13.91 1.44
CA ARG A 387 19.45 13.72 2.20
C ARG A 387 19.21 14.39 3.50
N TYR A 388 19.27 13.62 4.59
CA TYR A 388 19.01 14.20 5.89
C TYR A 388 20.24 14.93 6.41
N PRO A 389 20.03 16.06 7.09
CA PRO A 389 21.18 16.74 7.73
C PRO A 389 21.77 15.86 8.83
N ALA A 390 23.07 16.01 9.13
CA ALA A 390 23.72 15.20 10.15
C ALA A 390 23.06 15.25 11.55
N ASN A 391 22.47 16.38 11.97
CA ASN A 391 21.83 16.51 13.32
C ASN A 391 20.34 16.12 13.30
N SER A 392 20.03 14.87 12.87
CA SER A 392 18.63 14.48 12.70
C SER A 392 18.21 13.22 13.47
N ILE A 393 16.89 13.11 13.74
CA ILE A 393 16.20 11.94 14.30
C ILE A 393 15.22 11.63 13.17
N VAL A 394 15.36 10.45 12.54
CA VAL A 394 14.56 10.17 11.35
C VAL A 394 13.77 8.87 11.38
N CYS A 395 12.49 8.94 11.00
CA CYS A 395 11.69 7.75 10.77
C CYS A 395 11.30 7.74 9.29
N ARG A 396 11.80 6.77 8.53
CA ARG A 396 11.53 6.69 7.11
C ARG A 396 10.88 5.37 6.78
N PHE A 397 9.72 5.37 6.08
CA PHE A 397 9.07 4.11 5.70
C PHE A 397 9.85 3.44 4.54
N ASP A 398 10.20 2.15 4.68
CA ASP A 398 10.89 1.40 3.64
C ASP A 398 9.86 0.78 2.74
N THR A 399 9.75 1.31 1.53
CA THR A 399 8.79 0.93 0.50
C THR A 399 8.95 -0.52 0.01
N ARG A 400 10.15 -1.12 0.21
CA ARG A 400 10.39 -2.49 -0.23
C ARG A 400 9.72 -3.55 0.65
N VAL A 401 9.28 -3.17 1.87
CA VAL A 401 8.66 -4.12 2.79
C VAL A 401 7.46 -4.83 2.19
N LEU A 402 7.37 -6.14 2.40
CA LEU A 402 6.25 -6.97 1.95
C LEU A 402 5.21 -7.09 3.05
N SER A 403 4.00 -6.55 2.82
CA SER A 403 2.91 -6.66 3.79
C SER A 403 1.55 -6.49 3.09
N ASN A 404 0.45 -6.76 3.82
CA ASN A 404 -0.90 -6.56 3.30
C ASN A 404 -1.31 -5.08 3.31
N LEU A 405 -0.59 -4.22 4.06
CA LEU A 405 -0.84 -2.78 4.12
C LEU A 405 -0.15 -2.01 2.97
N ASN A 406 0.99 -2.51 2.54
CA ASN A 406 1.81 -1.92 1.51
C ASN A 406 1.57 -2.60 0.16
N LEU A 407 1.03 -1.86 -0.81
CA LEU A 407 0.77 -2.36 -2.15
C LEU A 407 1.84 -1.75 -3.10
N PRO A 408 2.16 -2.42 -4.23
CA PRO A 408 3.14 -1.86 -5.17
C PRO A 408 2.74 -0.50 -5.76
N GLY A 409 3.72 0.37 -5.93
CA GLY A 409 3.48 1.70 -6.41
C GLY A 409 4.12 2.06 -7.73
N CYS A 410 4.35 3.35 -7.90
N CYS A 410 4.40 3.35 -7.90
CA CYS A 410 4.87 3.97 -9.12
CA CYS A 410 4.96 3.89 -9.12
C CYS A 410 6.31 4.45 -8.97
C CYS A 410 6.36 4.37 -8.95
N ASP A 411 7.19 4.15 -9.97
CA ASP A 411 8.59 4.56 -10.00
C ASP A 411 9.40 4.10 -8.78
N GLY A 412 9.18 2.86 -8.36
CA GLY A 412 9.85 2.32 -7.19
C GLY A 412 9.17 2.61 -5.87
N GLY A 413 8.23 3.56 -5.85
CA GLY A 413 7.51 3.89 -4.64
C GLY A 413 6.50 2.82 -4.26
N SER A 414 5.76 3.07 -3.19
CA SER A 414 4.76 2.10 -2.76
C SER A 414 3.56 2.81 -2.21
N LEU A 415 2.40 2.15 -2.27
CA LEU A 415 1.18 2.73 -1.76
C LEU A 415 0.91 2.10 -0.42
N TYR A 416 1.15 2.85 0.65
CA TYR A 416 0.95 2.32 1.99
C TYR A 416 -0.44 2.69 2.44
N VAL A 417 -1.29 1.67 2.63
CA VAL A 417 -2.67 1.92 3.00
C VAL A 417 -2.93 1.48 4.45
N ASN A 418 -3.00 2.47 5.36
CA ASN A 418 -3.25 2.27 6.78
C ASN A 418 -4.16 3.43 7.20
N LYS A 419 -5.49 3.19 7.19
CA LYS A 419 -6.55 4.17 7.47
C LYS A 419 -6.72 5.13 6.29
N HIS A 420 -5.60 5.57 5.70
CA HIS A 420 -5.54 6.41 4.53
C HIS A 420 -4.50 5.84 3.57
N ALA A 421 -4.54 6.28 2.30
CA ALA A 421 -3.60 5.80 1.29
C ALA A 421 -2.48 6.83 1.11
N PHE A 422 -1.24 6.39 1.23
CA PHE A 422 -0.08 7.27 1.11
C PHE A 422 0.91 6.71 0.13
N HIS A 423 1.00 7.30 -1.06
CA HIS A 423 2.02 6.87 -2.02
C HIS A 423 3.33 7.45 -1.48
N THR A 424 4.32 6.58 -1.26
CA THR A 424 5.59 6.96 -0.65
C THR A 424 6.67 6.81 -1.69
N PRO A 425 7.56 7.80 -1.84
CA PRO A 425 8.64 7.67 -2.84
C PRO A 425 9.60 6.53 -2.50
N ALA A 426 10.26 5.97 -3.52
CA ALA A 426 11.20 4.84 -3.34
C ALA A 426 12.21 5.05 -2.22
N PHE A 427 12.41 4.02 -1.40
CA PHE A 427 13.40 4.01 -0.34
C PHE A 427 14.79 4.14 -0.98
N ASP A 428 15.59 5.06 -0.46
CA ASP A 428 16.91 5.34 -1.00
C ASP A 428 17.89 5.39 0.17
N LYS A 429 18.77 4.37 0.26
CA LYS A 429 19.78 4.24 1.34
C LYS A 429 20.72 5.43 1.44
N SER A 430 20.97 6.12 0.31
CA SER A 430 21.85 7.28 0.29
C SER A 430 21.26 8.50 1.02
N ALA A 431 19.94 8.53 1.26
CA ALA A 431 19.33 9.63 2.02
C ALA A 431 19.90 9.74 3.45
N PHE A 432 20.40 8.62 3.97
CA PHE A 432 20.87 8.42 5.31
C PHE A 432 22.39 8.35 5.48
N VAL A 433 23.18 8.98 4.59
CA VAL A 433 24.64 8.97 4.71
C VAL A 433 25.19 9.76 5.89
N ASN A 434 24.55 10.87 6.27
CA ASN A 434 25.04 11.63 7.44
C ASN A 434 24.58 11.03 8.79
N LEU A 435 23.73 10.01 8.77
CA LEU A 435 23.23 9.40 9.98
C LEU A 435 23.70 7.91 10.12
N LYS A 436 23.29 7.27 11.23
CA LYS A 436 23.53 5.86 11.48
C LYS A 436 22.18 5.19 11.85
N GLN A 437 22.11 3.87 11.72
CA GLN A 437 20.91 3.12 12.10
C GLN A 437 20.73 3.24 13.62
N LEU A 438 19.52 3.54 14.07
CA LEU A 438 19.24 3.71 15.49
C LEU A 438 19.06 2.32 16.11
N PRO A 439 19.85 2.00 17.14
CA PRO A 439 19.72 0.68 17.76
C PRO A 439 18.56 0.59 18.74
N PHE A 440 18.08 -0.65 19.01
CA PHE A 440 17.03 -0.83 20.00
C PHE A 440 17.57 -0.44 21.40
N PHE A 441 16.73 0.20 22.18
CA PHE A 441 16.97 0.53 23.55
C PHE A 441 15.62 0.83 24.18
N TYR A 442 15.50 0.62 25.48
CA TYR A 442 14.30 0.98 26.20
C TYR A 442 14.78 1.86 27.32
N TYR A 443 14.32 3.10 27.44
CA TYR A 443 14.72 3.96 28.54
C TYR A 443 13.48 4.26 29.39
N SER A 444 13.65 4.27 30.71
CA SER A 444 12.59 4.67 31.63
C SER A 444 13.11 5.24 32.93
N ASP A 445 12.62 6.43 33.27
CA ASP A 445 12.88 7.13 34.53
C ASP A 445 11.72 7.01 35.51
N SER A 446 10.68 6.22 35.20
CA SER A 446 9.53 6.05 36.09
C SER A 446 9.93 5.21 37.31
N PRO A 447 9.24 5.41 38.45
CA PRO A 447 9.58 4.62 39.63
C PRO A 447 9.35 3.12 39.44
N CYS A 448 10.09 2.33 40.20
CA CYS A 448 10.01 0.89 40.20
C CYS A 448 8.92 0.54 41.19
N GLU A 449 7.75 0.18 40.67
CA GLU A 449 6.57 -0.13 41.47
C GLU A 449 5.60 -0.94 40.60
N SER A 450 5.43 -2.23 40.95
CA SER A 450 4.61 -3.20 40.21
C SER A 450 3.16 -2.75 39.94
N HIS A 451 2.37 -2.42 41.01
CA HIS A 451 0.98 -1.96 40.89
C HIS A 451 0.05 -2.87 40.07
N GLY A 452 -0.80 -3.65 40.73
CA GLY A 452 -1.75 -4.52 40.07
C GLY A 452 -1.54 -6.00 40.33
N ILE A 459 -0.83 -11.45 34.51
CA ILE A 459 0.32 -11.87 33.71
C ILE A 459 1.42 -12.45 34.61
N ASP A 460 2.16 -13.46 34.12
CA ASP A 460 3.22 -14.07 34.93
C ASP A 460 4.64 -13.59 34.52
N TYR A 461 5.65 -13.85 35.39
CA TYR A 461 7.00 -13.33 35.29
C TYR A 461 8.17 -14.34 35.21
N VAL A 462 9.26 -13.91 34.52
CA VAL A 462 10.59 -14.54 34.36
C VAL A 462 11.58 -13.37 34.49
N PRO A 463 12.63 -13.46 35.32
CA PRO A 463 13.54 -12.31 35.50
C PRO A 463 14.22 -11.82 34.24
N LEU A 464 14.16 -10.50 33.98
CA LEU A 464 14.75 -9.94 32.77
C LEU A 464 16.20 -9.58 32.94
N LYS A 465 17.03 -9.96 31.98
CA LYS A 465 18.43 -9.60 31.94
C LYS A 465 18.69 -8.99 30.57
N SER A 466 19.03 -7.69 30.52
CA SER A 466 19.28 -7.02 29.24
C SER A 466 20.17 -5.81 29.38
N ALA A 467 21.15 -5.66 28.47
CA ALA A 467 22.02 -4.48 28.42
C ALA A 467 21.28 -3.23 27.89
N THR A 468 20.17 -3.41 27.15
CA THR A 468 19.44 -2.31 26.57
C THR A 468 18.22 -1.85 27.42
N CYS A 469 18.08 -2.33 28.67
CA CYS A 469 16.99 -1.88 29.54
C CYS A 469 17.57 -0.74 30.34
N ILE A 470 17.44 0.51 29.91
CA ILE A 470 18.08 1.63 30.60
C ILE A 470 17.18 2.20 31.71
N THR A 471 17.28 1.60 32.90
CA THR A 471 16.49 1.95 34.08
C THR A 471 17.39 1.98 35.32
N ARG A 472 16.93 2.67 36.40
CA ARG A 472 17.62 2.77 37.69
C ARG A 472 17.83 1.38 38.29
N CYS A 473 16.84 0.49 38.13
CA CYS A 473 16.93 -0.87 38.62
C CYS A 473 18.05 -1.62 37.94
N ASN A 474 18.17 -1.51 36.62
CA ASN A 474 19.24 -2.17 35.86
C ASN A 474 20.63 -1.59 36.18
N LEU A 475 20.68 -0.29 36.48
CA LEU A 475 21.90 0.38 36.89
C LEU A 475 22.34 -0.20 38.26
N GLY A 476 21.38 -0.36 39.17
CA GLY A 476 21.59 -0.91 40.50
C GLY A 476 21.60 -2.42 40.60
N GLY A 477 21.77 -3.11 39.47
CA GLY A 477 21.87 -4.57 39.49
C GLY A 477 20.76 -5.37 38.87
N ALA A 478 19.62 -5.52 39.59
CA ALA A 478 18.46 -6.31 39.15
C ALA A 478 17.24 -5.51 38.60
N VAL A 479 16.72 -5.84 37.39
CA VAL A 479 15.55 -5.16 36.83
C VAL A 479 14.23 -5.53 37.60
N CYS A 480 13.49 -4.52 38.05
CA CYS A 480 12.22 -4.72 38.76
C CYS A 480 11.14 -5.26 37.82
N ARG A 481 10.06 -5.88 38.37
CA ARG A 481 8.97 -6.46 37.59
C ARG A 481 8.27 -5.45 36.68
N HIS A 482 8.03 -4.22 37.18
CA HIS A 482 7.39 -3.17 36.39
C HIS A 482 8.18 -2.82 35.12
N HIS A 483 9.49 -2.56 35.24
CA HIS A 483 10.28 -2.23 34.06
C HIS A 483 10.51 -3.44 33.18
N ALA A 484 10.39 -4.67 33.70
CA ALA A 484 10.54 -5.87 32.88
C ALA A 484 9.31 -6.06 31.99
N ASN A 485 8.10 -5.79 32.54
CA ASN A 485 6.83 -5.86 31.81
C ASN A 485 6.79 -4.78 30.73
N GLU A 486 7.14 -3.54 31.09
CA GLU A 486 7.18 -2.39 30.20
C GLU A 486 8.28 -2.52 29.17
N TYR A 487 9.39 -3.18 29.49
CA TYR A 487 10.48 -3.36 28.52
C TYR A 487 10.00 -4.34 27.46
N ARG A 488 9.33 -5.43 27.88
CA ARG A 488 8.88 -6.44 26.92
C ARG A 488 7.76 -5.93 26.04
N LEU A 489 6.86 -5.10 26.60
CA LEU A 489 5.79 -4.48 25.82
C LEU A 489 6.39 -3.52 24.80
N TYR A 490 7.39 -2.72 25.20
CA TYR A 490 8.05 -1.79 24.30
C TYR A 490 8.84 -2.51 23.22
N LEU A 491 9.47 -3.62 23.54
CA LEU A 491 10.20 -4.41 22.55
C LEU A 491 9.23 -4.98 21.49
N ASP A 492 8.00 -5.35 21.92
CA ASP A 492 6.96 -5.88 21.04
C ASP A 492 6.48 -4.79 20.10
N ALA A 493 6.23 -3.58 20.64
CA ALA A 493 5.80 -2.45 19.83
C ALA A 493 6.90 -2.07 18.81
N TYR A 494 8.14 -2.07 19.24
CA TYR A 494 9.28 -1.78 18.38
C TYR A 494 9.37 -2.80 17.21
N ASN A 495 9.25 -4.10 17.50
CA ASN A 495 9.32 -5.13 16.46
C ASN A 495 8.12 -5.07 15.49
N MET A 496 6.97 -4.62 16.00
CA MET A 496 5.76 -4.46 15.21
C MET A 496 6.02 -3.36 14.13
N MET A 497 6.58 -2.23 14.57
CA MET A 497 6.90 -1.06 13.78
C MET A 497 8.00 -1.32 12.75
N ILE A 498 9.05 -2.05 13.15
CA ILE A 498 10.15 -2.37 12.25
C ILE A 498 9.64 -3.31 11.15
N SER A 499 8.88 -4.34 11.55
CA SER A 499 8.32 -5.30 10.61
C SER A 499 7.25 -4.70 9.71
N ALA A 500 6.56 -3.63 10.15
CA ALA A 500 5.60 -2.94 9.26
C ALA A 500 6.33 -2.17 8.12
N GLY A 501 7.66 -2.05 8.18
CA GLY A 501 8.44 -1.39 7.14
C GLY A 501 9.15 -0.13 7.57
N PHE A 502 8.81 0.42 8.74
CA PHE A 502 9.44 1.64 9.22
C PHE A 502 10.88 1.41 9.62
N SER A 503 11.73 2.40 9.39
CA SER A 503 13.14 2.31 9.72
C SER A 503 13.60 3.58 10.41
N LEU A 504 14.37 3.42 11.50
CA LEU A 504 14.86 4.50 12.35
C LEU A 504 16.32 4.82 12.17
N TRP A 505 16.62 6.11 12.10
CA TRP A 505 17.98 6.63 11.87
C TRP A 505 18.25 7.79 12.85
N VAL A 506 19.51 7.96 13.26
CA VAL A 506 19.85 9.00 14.24
C VAL A 506 21.24 9.61 13.92
N TYR A 507 21.51 10.79 14.48
CA TYR A 507 22.80 11.45 14.37
C TYR A 507 23.91 10.53 14.98
N LYS A 508 25.12 10.53 14.39
CA LYS A 508 26.21 9.64 14.77
C LYS A 508 26.68 9.71 16.26
N GLN A 509 26.59 10.87 16.90
CA GLN A 509 26.99 11.02 18.30
C GLN A 509 26.02 10.38 19.31
N PHE A 510 24.86 9.88 18.83
CA PHE A 510 23.87 9.26 19.72
C PHE A 510 24.41 8.01 20.43
N ASP A 511 24.53 8.09 21.76
CA ASP A 511 25.03 6.99 22.57
C ASP A 511 24.08 6.79 23.73
N THR A 512 23.57 5.57 23.92
CA THR A 512 22.68 5.30 25.07
C THR A 512 23.45 5.28 26.41
N TYR A 513 24.80 5.18 26.37
CA TYR A 513 25.62 5.26 27.55
C TYR A 513 25.43 6.59 28.28
N ASN A 514 25.04 7.64 27.55
CA ASN A 514 24.78 8.97 28.12
C ASN A 514 23.46 9.04 28.90
N LEU A 515 22.64 7.99 28.88
CA LEU A 515 21.36 7.99 29.58
C LEU A 515 21.47 7.50 31.02
N TRP A 516 22.51 6.71 31.34
CA TRP A 516 22.71 6.21 32.70
C TRP A 516 22.94 7.35 33.71
N ASN A 517 23.60 8.44 33.29
CA ASN A 517 23.83 9.60 34.15
C ASN A 517 22.57 10.40 34.48
N THR A 518 21.43 10.10 33.86
CA THR A 518 20.16 10.76 34.23
C THR A 518 19.56 10.11 35.53
N PHE A 519 20.30 9.17 36.15
CA PHE A 519 20.00 8.45 37.38
C PHE A 519 21.12 8.77 38.40
N THR A 520 21.33 10.06 38.73
CA THR A 520 22.39 10.47 39.66
C THR A 520 21.85 11.46 40.72
ZN ZN B . 5.41 1.73 -13.55
ZN ZN C . 12.58 -0.61 37.86
ZN ZN D . -16.20 -17.48 2.92
P PO4 E . -12.10 -3.06 0.03
O1 PO4 E . -12.27 -4.44 0.70
O2 PO4 E . -11.13 -2.12 0.89
O3 PO4 E . -13.55 -2.41 -0.04
O4 PO4 E . -11.45 -3.23 -1.43
P PO4 F . 7.04 3.45 31.86
O1 PO4 F . 7.48 2.30 32.82
O2 PO4 F . 8.14 4.61 31.85
O3 PO4 F . 6.91 2.88 30.37
O4 PO4 F . 5.65 4.02 32.42
C4 UX1 G . -17.75 -7.46 -28.17
C5 UX1 G . -17.16 -7.71 -26.94
C6 UX1 G . -16.63 -6.67 -26.18
C7 UX1 G . -16.76 -5.37 -26.61
C8 UX1 G . -17.41 -5.09 -27.79
C10 UX1 G . -18.80 -9.72 -31.20
N UX1 G . -15.49 -9.02 -30.91
C UX1 G . -14.17 -9.59 -31.11
O UX1 G . -16.28 -10.73 -29.70
C1 UX1 G . -16.46 -9.65 -30.25
C11 UX1 G . -18.29 -8.38 -31.58
C2 UX1 G . -17.83 -9.01 -30.30
C3 UX1 G . -18.41 -8.58 -28.96
C9 UX1 G . -17.91 -6.13 -28.54
F UX1 G . -18.56 -5.83 -29.67
C4 UX1 H . -11.42 -15.07 -28.28
C5 UX1 H . -11.65 -14.59 -26.99
C6 UX1 H . -11.07 -13.41 -26.56
C7 UX1 H . -10.26 -12.69 -27.41
C8 UX1 H . -10.06 -13.11 -28.70
C10 UX1 H . -11.74 -18.49 -30.08
N UX1 H . -9.24 -18.17 -27.77
C UX1 H . -8.48 -18.92 -26.80
O UX1 H . -11.25 -18.76 -26.98
C1 UX1 H . -10.57 -18.20 -27.81
C11 UX1 H . -10.52 -17.71 -30.35
C2 UX1 H . -11.22 -17.55 -29.03
C3 UX1 H . -12.10 -16.33 -28.77
C9 UX1 H . -10.63 -14.28 -29.10
F UX1 H . -10.39 -14.69 -30.38
#